data_8JCA
#
_entry.id   8JCA
#
_cell.length_a   178.687
_cell.length_b   53.836
_cell.length_c   40.512
_cell.angle_alpha   90.00
_cell.angle_beta   98.13
_cell.angle_gamma   90.00
#
_symmetry.space_group_name_H-M   'C 1 2 1'
#
loop_
_entity.id
_entity.type
_entity.pdbx_description
1 polymer 'ADP-ribosylation factor-like protein 8B'
2 polymer 'Pleckstrin homology domain-containing family M member 2'
3 non-polymer "GUANOSINE-5'-TRIPHOSPHATE"
4 non-polymer 'MAGNESIUM ION'
5 water water
#
loop_
_entity_poly.entity_id
_entity_poly.type
_entity_poly.pdbx_seq_one_letter_code
_entity_poly.pdbx_strand_id
1 'polypeptide(L)'
;KEEMELTLVGLQYSGKTTFVNVIASGQFSEDMIPTVGFNMRKVTKGNVTIKIWDIGGLPRFRSMWERYCRGVNAIVYMID
AADREKIEASRNELHNLLDKPQLQGIPVLVLGNKRDLPNALDEKQLIEKMNLSAIQDREICCYSISCKEKDNIDITLQWL
IQHSKSRRS
;
A
2 'polypeptide(L)'
;MEPGEVKDRILENISLSVKKLQSYFAACEDEIPAIRNHDKVLQRLCEHLDHALLYGLQDLSSGYWVLVVHFTRREAIKQI
EVLQHVATNLGRSRAWLYLALNENSLESYLRLFQENLGLLHKYYVKNALVCSHDHLTLFLTLVSGLEFIRFELDLDAPYL
DLAPY
;
B
#
loop_
_chem_comp.id
_chem_comp.type
_chem_comp.name
_chem_comp.formula
GTP non-polymer GUANOSINE-5'-TRIPHOSPHATE 'C10 H16 N5 O14 P3'
MG non-polymer 'MAGNESIUM ION' 'Mg 2'
#
# COMPACT_ATOMS: atom_id res chain seq x y z
N LYS A 1 -22.16 -4.14 -9.34
CA LYS A 1 -22.15 -4.30 -7.89
C LYS A 1 -21.98 -2.96 -7.20
N GLU A 2 -22.45 -2.87 -5.95
CA GLU A 2 -22.09 -1.73 -5.13
C GLU A 2 -20.60 -1.78 -4.80
N GLU A 3 -20.06 -0.66 -4.32
CA GLU A 3 -18.65 -0.59 -4.00
C GLU A 3 -18.45 0.11 -2.67
N MET A 4 -17.44 -0.32 -1.95
CA MET A 4 -17.00 0.39 -0.77
C MET A 4 -15.50 0.19 -0.59
N GLU A 5 -14.91 1.04 0.23
CA GLU A 5 -13.49 0.96 0.55
C GLU A 5 -13.32 0.83 2.04
N LEU A 6 -12.44 -0.08 2.47
CA LEU A 6 -12.10 -0.12 3.88
C LEU A 6 -10.59 -0.16 3.99
N THR A 7 -10.11 0.32 5.12
CA THR A 7 -8.69 0.20 5.45
C THR A 7 -8.53 -0.61 6.71
N LEU A 8 -7.58 -1.55 6.68
CA LEU A 8 -7.28 -2.46 7.78
C LEU A 8 -5.94 -2.05 8.38
N VAL A 9 -5.95 -1.68 9.66
CA VAL A 9 -4.75 -1.26 10.38
C VAL A 9 -4.71 -2.03 11.69
N GLY A 10 -3.61 -1.89 12.40
CA GLY A 10 -3.36 -2.64 13.63
C GLY A 10 -1.91 -3.09 13.67
N LEU A 11 -1.47 -3.52 14.85
CA LEU A 11 -0.05 -3.87 15.02
C LEU A 11 0.33 -5.09 14.17
N GLN A 12 1.63 -5.25 13.97
CA GLN A 12 2.11 -6.42 13.25
C GLN A 12 1.61 -7.70 13.92
N TYR A 13 1.35 -8.71 13.09
CA TYR A 13 1.03 -10.06 13.52
C TYR A 13 -0.37 -10.18 14.09
N SER A 14 -1.19 -9.15 14.00
CA SER A 14 -2.53 -9.22 14.57
C SER A 14 -3.49 -10.03 13.71
N GLY A 15 -3.15 -10.28 12.45
CA GLY A 15 -3.98 -11.07 11.54
C GLY A 15 -4.70 -10.31 10.43
N LYS A 16 -4.24 -9.11 10.07
CA LYS A 16 -4.88 -8.33 9.03
C LYS A 16 -4.86 -9.06 7.70
N THR A 17 -3.70 -9.50 7.27
CA THR A 17 -3.62 -10.11 5.94
C THR A 17 -4.32 -11.46 5.93
N THR A 18 -4.23 -12.19 7.05
CA THR A 18 -4.93 -13.45 7.23
C THR A 18 -6.42 -13.25 7.06
N PHE A 19 -6.97 -12.21 7.72
CA PHE A 19 -8.39 -11.90 7.60
C PHE A 19 -8.80 -11.69 6.14
N VAL A 20 -8.02 -10.91 5.39
CA VAL A 20 -8.35 -10.72 3.97
C VAL A 20 -8.40 -12.07 3.25
N ASN A 21 -7.40 -12.92 3.49
CA ASN A 21 -7.37 -14.22 2.85
C ASN A 21 -8.59 -15.05 3.20
N VAL A 22 -9.01 -15.03 4.47
CA VAL A 22 -10.14 -15.85 4.88
C VAL A 22 -11.42 -15.38 4.20
N ILE A 23 -11.63 -14.07 4.11
CA ILE A 23 -12.88 -13.63 3.47
C ILE A 23 -12.79 -13.68 1.95
N ALA A 24 -11.59 -13.71 1.37
CA ALA A 24 -11.46 -13.81 -0.08
C ALA A 24 -11.61 -15.25 -0.57
N SER A 25 -10.93 -16.19 0.09
CA SER A 25 -10.87 -17.56 -0.38
C SER A 25 -11.20 -18.59 0.69
N GLY A 26 -11.42 -18.17 1.92
CA GLY A 26 -11.66 -19.07 3.03
C GLY A 26 -10.42 -19.76 3.58
N GLN A 27 -9.24 -19.34 3.16
CA GLN A 27 -8.01 -20.07 3.45
C GLN A 27 -7.25 -19.39 4.60
N PHE A 28 -7.13 -20.11 5.72
CA PHE A 28 -6.26 -19.72 6.82
C PHE A 28 -4.87 -20.33 6.62
N SER A 29 -3.81 -19.56 6.93
CA SER A 29 -2.46 -20.10 6.87
C SER A 29 -1.73 -19.80 8.17
N GLU A 30 -1.00 -20.80 8.66
CA GLU A 30 -0.23 -20.62 9.89
C GLU A 30 1.01 -19.77 9.66
N ASP A 31 1.63 -19.86 8.48
CA ASP A 31 2.84 -19.11 8.14
C ASP A 31 2.48 -17.97 7.19
N MET A 32 2.92 -16.76 7.51
CA MET A 32 2.57 -15.57 6.74
C MET A 32 3.80 -14.69 6.58
N ILE A 33 3.77 -13.86 5.53
CA ILE A 33 4.80 -12.86 5.27
C ILE A 33 4.32 -11.52 5.82
N PRO A 34 5.10 -10.82 6.63
CA PRO A 34 4.67 -9.47 7.07
C PRO A 34 4.47 -8.55 5.89
N THR A 35 3.48 -7.69 5.99
CA THR A 35 3.16 -6.82 4.88
C THR A 35 4.09 -5.62 4.89
N VAL A 36 4.88 -5.47 3.83
CA VAL A 36 5.89 -4.43 3.74
C VAL A 36 5.26 -3.31 2.94
N GLY A 37 4.72 -2.32 3.65
CA GLY A 37 4.03 -1.23 3.01
C GLY A 37 2.53 -1.47 3.09
N PHE A 38 1.91 -1.72 1.96
CA PHE A 38 0.48 -2.00 1.92
C PHE A 38 0.16 -3.04 0.86
N ASN A 39 -0.93 -3.77 1.08
CA ASN A 39 -1.51 -4.63 0.06
C ASN A 39 -2.87 -4.04 -0.30
N MET A 40 -3.38 -4.44 -1.44
CA MET A 40 -4.75 -4.07 -1.76
C MET A 40 -5.40 -5.26 -2.41
N ARG A 41 -6.64 -5.51 -2.04
CA ARG A 41 -7.40 -6.62 -2.63
C ARG A 41 -8.84 -6.17 -2.80
N LYS A 42 -9.48 -6.65 -3.87
CA LYS A 42 -10.92 -6.52 -4.01
C LYS A 42 -11.58 -7.86 -3.67
N VAL A 43 -12.62 -7.82 -2.86
CA VAL A 43 -13.38 -9.00 -2.53
C VAL A 43 -14.86 -8.69 -2.72
N THR A 44 -15.59 -9.60 -3.32
CA THR A 44 -17.03 -9.42 -3.49
C THR A 44 -17.76 -10.29 -2.49
N LYS A 45 -18.68 -9.68 -1.75
CA LYS A 45 -19.58 -10.41 -0.84
C LYS A 45 -21.01 -9.99 -1.15
N GLY A 46 -21.81 -10.94 -1.60
CA GLY A 46 -23.15 -10.58 -2.05
C GLY A 46 -23.04 -9.68 -3.26
N ASN A 47 -23.64 -8.50 -3.17
CA ASN A 47 -23.59 -7.53 -4.26
C ASN A 47 -22.75 -6.31 -3.93
N VAL A 48 -21.85 -6.40 -2.95
CA VAL A 48 -20.92 -5.32 -2.63
C VAL A 48 -19.52 -5.78 -2.97
N THR A 49 -18.83 -5.01 -3.79
CA THR A 49 -17.41 -5.21 -4.01
C THR A 49 -16.64 -4.34 -3.04
N ILE A 50 -15.84 -4.96 -2.19
CA ILE A 50 -15.10 -4.23 -1.17
C ILE A 50 -13.66 -4.11 -1.62
N LYS A 51 -13.15 -2.88 -1.73
CA LYS A 51 -11.73 -2.68 -1.94
C LYS A 51 -11.05 -2.48 -0.59
N ILE A 52 -10.10 -3.34 -0.27
CA ILE A 52 -9.48 -3.41 1.06
C ILE A 52 -8.04 -2.94 0.93
N TRP A 53 -7.69 -1.91 1.71
CA TRP A 53 -6.32 -1.45 1.83
C TRP A 53 -5.78 -2.09 3.11
N ASP A 54 -4.87 -3.06 2.96
CA ASP A 54 -4.34 -3.86 4.08
C ASP A 54 -2.95 -3.29 4.39
N ILE A 55 -2.84 -2.49 5.48
CA ILE A 55 -1.59 -1.77 5.73
C ILE A 55 -0.70 -2.60 6.64
N GLY A 56 0.62 -2.51 6.42
CA GLY A 56 1.54 -3.12 7.36
C GLY A 56 1.42 -2.51 8.75
N GLY A 57 1.61 -3.34 9.76
CA GLY A 57 1.53 -2.87 11.12
C GLY A 57 2.87 -2.74 11.81
N LEU A 58 3.96 -3.14 11.15
CA LEU A 58 5.27 -2.96 11.77
C LEU A 58 5.52 -1.48 12.05
N PRO A 59 6.36 -1.16 13.04
CA PRO A 59 6.47 0.25 13.47
C PRO A 59 6.67 1.26 12.37
N ARG A 60 7.54 0.97 11.41
CA ARG A 60 7.88 1.99 10.42
C ARG A 60 6.72 2.28 9.46
N PHE A 61 5.68 1.45 9.43
CA PHE A 61 4.56 1.67 8.52
C PHE A 61 3.38 2.38 9.17
N ARG A 62 3.38 2.57 10.48
CA ARG A 62 2.21 3.16 11.12
C ARG A 62 2.04 4.61 10.72
N SER A 63 3.13 5.29 10.33
CA SER A 63 3.02 6.66 9.86
C SER A 63 2.18 6.78 8.61
N MET A 64 2.00 5.67 7.87
CA MET A 64 1.19 5.55 6.66
C MET A 64 -0.29 5.35 6.91
N TRP A 65 -0.68 5.00 8.14
CA TRP A 65 -2.06 4.57 8.36
C TRP A 65 -3.04 5.67 7.98
N GLU A 66 -2.84 6.88 8.49
CA GLU A 66 -3.81 7.93 8.22
C GLU A 66 -3.98 8.15 6.72
N ARG A 67 -2.87 8.16 5.98
CA ARG A 67 -2.91 8.34 4.53
C ARG A 67 -3.92 7.40 3.87
N TYR A 68 -3.96 6.14 4.31
CA TYR A 68 -4.80 5.15 3.65
C TYR A 68 -6.19 5.10 4.26
N CYS A 69 -6.37 5.66 5.45
CA CYS A 69 -7.69 5.75 6.07
C CYS A 69 -8.50 6.94 5.60
N ARG A 70 -7.86 7.97 5.04
CA ARG A 70 -8.61 9.17 4.66
C ARG A 70 -9.64 8.82 3.59
N GLY A 71 -10.87 9.28 3.79
CA GLY A 71 -11.93 9.10 2.83
C GLY A 71 -12.59 7.73 2.75
N VAL A 72 -12.15 6.73 3.52
CA VAL A 72 -12.74 5.40 3.31
C VAL A 72 -14.07 5.28 4.05
N ASN A 73 -14.81 4.20 3.74
CA ASN A 73 -16.12 3.96 4.33
C ASN A 73 -16.03 3.51 5.78
N ALA A 74 -14.97 2.78 6.14
CA ALA A 74 -14.80 2.30 7.51
C ALA A 74 -13.35 1.90 7.71
N ILE A 75 -12.91 1.97 8.97
CA ILE A 75 -11.60 1.51 9.38
C ILE A 75 -11.79 0.28 10.24
N VAL A 76 -11.04 -0.78 9.94
CA VAL A 76 -11.01 -1.97 10.75
C VAL A 76 -9.69 -1.96 11.48
N TYR A 77 -9.76 -2.02 12.81
CA TYR A 77 -8.58 -1.98 13.67
C TYR A 77 -8.43 -3.36 14.29
N MET A 78 -7.37 -4.08 13.91
CA MET A 78 -7.20 -5.47 14.30
C MET A 78 -6.27 -5.58 15.49
N ILE A 79 -6.63 -6.43 16.44
CA ILE A 79 -5.87 -6.62 17.67
C ILE A 79 -5.67 -8.12 17.86
N ASP A 80 -4.45 -8.53 18.17
CA ASP A 80 -4.22 -9.92 18.62
C ASP A 80 -4.71 -9.99 20.07
N ALA A 81 -5.91 -10.55 20.28
CA ALA A 81 -6.52 -10.58 21.59
C ALA A 81 -5.78 -11.47 22.57
N ALA A 82 -4.86 -12.31 22.09
CA ALA A 82 -4.11 -13.20 22.96
C ALA A 82 -2.77 -12.61 23.36
N ASP A 83 -2.35 -11.50 22.75
CA ASP A 83 -1.02 -10.91 22.97
C ASP A 83 -1.14 -9.76 23.97
N ARG A 84 -1.18 -10.14 25.25
CA ARG A 84 -1.37 -9.16 26.32
C ARG A 84 -0.26 -8.11 26.34
N GLU A 85 0.98 -8.54 26.03
CA GLU A 85 2.11 -7.61 26.06
C GLU A 85 1.95 -6.48 25.05
N LYS A 86 1.21 -6.72 23.97
CA LYS A 86 1.03 -5.72 22.92
C LYS A 86 -0.19 -4.83 23.13
N ILE A 87 -1.09 -5.15 24.06
CA ILE A 87 -2.34 -4.39 24.13
C ILE A 87 -2.06 -2.91 24.40
N GLU A 88 -1.10 -2.60 25.28
CA GLU A 88 -0.83 -1.20 25.59
C GLU A 88 -0.42 -0.43 24.35
N ALA A 89 0.49 -1.00 23.54
CA ALA A 89 0.88 -0.35 22.29
C ALA A 89 -0.30 -0.27 21.32
N SER A 90 -1.12 -1.30 21.28
CA SER A 90 -2.28 -1.28 20.38
C SER A 90 -3.27 -0.19 20.80
N ARG A 91 -3.51 -0.06 22.11
CA ARG A 91 -4.37 1.01 22.60
C ARG A 91 -3.84 2.37 22.20
N ASN A 92 -2.53 2.58 22.37
CA ASN A 92 -1.94 3.90 22.11
C ASN A 92 -1.98 4.23 20.62
N GLU A 93 -1.70 3.24 19.75
CA GLU A 93 -1.72 3.50 18.32
C GLU A 93 -3.14 3.79 17.85
N LEU A 94 -4.14 3.08 18.42
CA LEU A 94 -5.51 3.35 18.01
C LEU A 94 -5.94 4.76 18.40
N HIS A 95 -5.66 5.17 19.63
CA HIS A 95 -6.09 6.50 20.05
C HIS A 95 -5.31 7.58 19.30
N ASN A 96 -4.05 7.31 18.96
CA ASN A 96 -3.30 8.26 18.15
C ASN A 96 -3.90 8.42 16.75
N LEU A 97 -4.31 7.30 16.14
CA LEU A 97 -4.91 7.38 14.80
C LEU A 97 -6.22 8.16 14.84
N LEU A 98 -7.06 7.88 15.83
CA LEU A 98 -8.37 8.49 15.88
C LEU A 98 -8.31 9.96 16.27
N ASP A 99 -7.17 10.44 16.78
CA ASP A 99 -6.98 11.85 17.08
C ASP A 99 -6.70 12.68 15.83
N LYS A 100 -6.51 12.06 14.68
CA LYS A 100 -6.14 12.80 13.48
C LYS A 100 -7.39 13.49 12.92
N PRO A 101 -7.38 14.81 12.77
CA PRO A 101 -8.63 15.51 12.41
C PRO A 101 -9.22 15.07 11.08
N GLN A 102 -8.39 14.69 10.10
CA GLN A 102 -8.95 14.32 8.81
C GLN A 102 -9.64 12.96 8.81
N LEU A 103 -9.57 12.23 9.91
CA LEU A 103 -10.32 10.98 10.04
C LEU A 103 -11.58 11.16 10.87
N GLN A 104 -12.00 12.39 11.11
CA GLN A 104 -13.20 12.61 11.92
C GLN A 104 -14.41 11.93 11.28
N GLY A 105 -15.21 11.26 12.12
CA GLY A 105 -16.49 10.72 11.71
C GLY A 105 -16.46 9.36 11.05
N ILE A 106 -15.29 8.84 10.72
CA ILE A 106 -15.24 7.55 10.02
C ILE A 106 -15.57 6.44 11.02
N PRO A 107 -16.52 5.54 10.72
CA PRO A 107 -16.81 4.44 11.63
C PRO A 107 -15.63 3.49 11.76
N VAL A 108 -15.46 2.93 12.97
CA VAL A 108 -14.35 2.05 13.30
C VAL A 108 -14.90 0.73 13.84
N LEU A 109 -14.39 -0.36 13.31
CA LEU A 109 -14.68 -1.68 13.82
C LEU A 109 -13.39 -2.24 14.40
N VAL A 110 -13.40 -2.46 15.71
CA VAL A 110 -12.26 -3.04 16.43
C VAL A 110 -12.47 -4.54 16.49
N LEU A 111 -11.49 -5.31 16.01
CA LEU A 111 -11.61 -6.76 15.95
C LEU A 111 -10.59 -7.39 16.87
N GLY A 112 -11.06 -8.16 17.84
CA GLY A 112 -10.14 -8.87 18.71
C GLY A 112 -9.89 -10.26 18.16
N ASN A 113 -8.84 -10.40 17.39
CA ASN A 113 -8.62 -11.63 16.62
C ASN A 113 -7.94 -12.67 17.51
N LYS A 114 -7.94 -13.92 17.03
CA LYS A 114 -7.29 -15.07 17.68
C LYS A 114 -8.03 -15.49 18.95
N ARG A 115 -9.37 -15.39 18.93
CA ARG A 115 -10.14 -15.75 20.11
C ARG A 115 -10.05 -17.25 20.42
N ASP A 116 -9.58 -18.05 19.45
CA ASP A 116 -9.38 -19.48 19.70
C ASP A 116 -8.24 -19.77 20.67
N LEU A 117 -7.35 -18.81 20.92
CA LEU A 117 -6.21 -19.10 21.77
C LEU A 117 -6.63 -19.02 23.24
N PRO A 118 -5.95 -19.78 24.11
CA PRO A 118 -6.48 -20.00 25.47
C PRO A 118 -6.56 -18.74 26.33
N ASN A 119 -5.66 -17.79 26.16
CA ASN A 119 -5.66 -16.59 26.97
C ASN A 119 -6.27 -15.39 26.27
N ALA A 120 -7.01 -15.61 25.17
CA ALA A 120 -7.52 -14.47 24.44
C ALA A 120 -8.51 -13.68 25.28
N LEU A 121 -8.42 -12.36 25.18
CA LEU A 121 -9.40 -11.47 25.79
C LEU A 121 -10.73 -11.55 25.05
N ASP A 122 -11.83 -11.40 25.79
CA ASP A 122 -13.16 -11.36 25.20
C ASP A 122 -13.55 -9.91 24.91
N GLU A 123 -14.70 -9.73 24.23
CA GLU A 123 -15.11 -8.40 23.80
C GLU A 123 -15.19 -7.44 24.99
N LYS A 124 -15.75 -7.90 26.10
CA LYS A 124 -15.91 -7.02 27.26
C LYS A 124 -14.56 -6.49 27.74
N GLN A 125 -13.58 -7.38 27.93
CA GLN A 125 -12.25 -6.96 28.38
C GLN A 125 -11.56 -6.09 27.34
N LEU A 126 -11.72 -6.41 26.06
CA LEU A 126 -11.08 -5.60 25.03
C LEU A 126 -11.61 -4.19 25.04
N ILE A 127 -12.92 -4.03 25.29
CA ILE A 127 -13.51 -2.70 25.31
C ILE A 127 -12.91 -1.88 26.43
N GLU A 128 -12.77 -2.49 27.61
CA GLU A 128 -12.17 -1.81 28.75
C GLU A 128 -10.71 -1.49 28.50
N LYS A 129 -9.93 -2.50 28.08
CA LYS A 129 -8.49 -2.33 27.98
C LYS A 129 -8.10 -1.41 26.83
N MET A 130 -8.91 -1.34 25.78
CA MET A 130 -8.64 -0.39 24.71
C MET A 130 -9.28 0.96 24.95
N ASN A 131 -9.96 1.13 26.09
CA ASN A 131 -10.65 2.37 26.41
C ASN A 131 -11.60 2.80 25.28
N LEU A 132 -12.33 1.85 24.73
CA LEU A 132 -13.26 2.18 23.65
C LEU A 132 -14.39 3.08 24.12
N SER A 133 -14.76 2.98 25.40
CA SER A 133 -15.82 3.84 25.93
C SER A 133 -15.51 5.32 25.77
N ALA A 134 -14.23 5.68 25.70
CA ALA A 134 -13.80 7.07 25.59
C ALA A 134 -14.01 7.65 24.20
N ILE A 135 -14.39 6.84 23.22
CA ILE A 135 -14.65 7.29 21.86
C ILE A 135 -16.13 7.60 21.75
N GLN A 136 -16.48 8.88 21.71
CA GLN A 136 -17.89 9.28 21.66
C GLN A 136 -18.23 10.14 20.45
N ASP A 137 -17.29 10.38 19.54
CA ASP A 137 -17.49 11.29 18.41
C ASP A 137 -17.52 10.55 17.07
N ARG A 138 -17.70 9.24 17.09
CA ARG A 138 -17.83 8.43 15.89
C ARG A 138 -18.44 7.10 16.30
N GLU A 139 -18.97 6.39 15.32
CA GLU A 139 -19.47 5.05 15.52
C GLU A 139 -18.30 4.09 15.72
N ILE A 140 -18.35 3.30 16.79
CA ILE A 140 -17.30 2.33 17.07
C ILE A 140 -17.95 1.08 17.63
N CYS A 141 -17.44 -0.06 17.19
CA CYS A 141 -18.02 -1.36 17.49
C CYS A 141 -16.85 -2.29 17.73
N CYS A 142 -17.05 -3.31 18.57
CA CYS A 142 -15.99 -4.28 18.85
C CYS A 142 -16.56 -5.69 18.79
N TYR A 143 -15.90 -6.56 18.01
CA TYR A 143 -16.20 -7.99 17.94
C TYR A 143 -14.95 -8.81 18.25
N SER A 144 -15.13 -9.92 18.97
CA SER A 144 -14.07 -10.92 19.14
C SER A 144 -14.19 -11.95 18.02
N ILE A 145 -13.12 -12.17 17.25
CA ILE A 145 -13.22 -13.07 16.11
C ILE A 145 -12.09 -14.10 16.14
N SER A 146 -12.23 -15.13 15.29
CA SER A 146 -11.13 -16.04 14.98
C SER A 146 -11.06 -16.29 13.48
N CYS A 147 -9.96 -15.86 12.84
CA CYS A 147 -9.76 -16.21 11.43
C CYS A 147 -9.50 -17.70 11.27
N LYS A 148 -8.90 -18.35 12.27
CA LYS A 148 -8.59 -19.77 12.19
C LYS A 148 -9.85 -20.63 12.35
N GLU A 149 -10.69 -20.31 13.34
CA GLU A 149 -11.87 -21.12 13.66
C GLU A 149 -13.16 -20.55 13.09
N LYS A 150 -13.10 -19.33 12.56
CA LYS A 150 -14.15 -18.64 11.80
C LYS A 150 -15.20 -17.94 12.66
N ASP A 151 -15.09 -17.96 13.99
CA ASP A 151 -16.07 -17.27 14.83
C ASP A 151 -16.20 -15.82 14.39
N ASN A 152 -17.43 -15.37 14.18
CA ASN A 152 -17.78 -13.97 13.99
C ASN A 152 -17.21 -13.34 12.73
N ILE A 153 -16.70 -14.15 11.80
CA ILE A 153 -16.31 -13.57 10.51
C ILE A 153 -17.55 -13.10 9.78
N ASP A 154 -18.66 -13.83 9.89
CA ASP A 154 -19.87 -13.44 9.17
C ASP A 154 -20.47 -12.12 9.69
N ILE A 155 -20.56 -11.94 11.01
CA ILE A 155 -21.12 -10.70 11.54
C ILE A 155 -20.19 -9.52 11.24
N THR A 156 -18.87 -9.74 11.22
CA THR A 156 -17.93 -8.71 10.79
C THR A 156 -18.27 -8.23 9.38
N LEU A 157 -18.41 -9.17 8.44
CA LEU A 157 -18.80 -8.82 7.09
C LEU A 157 -20.13 -8.09 7.07
N GLN A 158 -21.10 -8.53 7.85
CA GLN A 158 -22.41 -7.87 7.91
C GLN A 158 -22.25 -6.41 8.32
N TRP A 159 -21.40 -6.14 9.32
CA TRP A 159 -21.17 -4.77 9.76
C TRP A 159 -20.53 -3.95 8.66
N LEU A 160 -19.52 -4.52 7.98
CA LEU A 160 -18.86 -3.78 6.91
C LEU A 160 -19.83 -3.44 5.79
N ILE A 161 -20.71 -4.39 5.45
CA ILE A 161 -21.66 -4.14 4.37
C ILE A 161 -22.68 -3.08 4.77
N GLN A 162 -23.04 -3.01 6.05
CA GLN A 162 -23.96 -1.97 6.48
C GLN A 162 -23.33 -0.59 6.43
N HIS A 163 -22.03 -0.50 6.21
CA HIS A 163 -21.38 0.80 6.08
C HIS A 163 -20.87 1.05 4.66
N SER A 164 -21.49 0.41 3.67
CA SER A 164 -21.05 0.53 2.29
C SER A 164 -21.25 1.95 1.76
N MET B 1 22.17 -7.50 -26.86
CA MET B 1 21.32 -7.30 -28.02
C MET B 1 20.09 -8.20 -27.94
N GLU B 2 20.26 -9.38 -27.35
CA GLU B 2 19.12 -10.24 -27.11
C GLU B 2 18.20 -9.59 -26.08
N PRO B 3 16.87 -9.69 -26.26
CA PRO B 3 15.94 -9.04 -25.32
C PRO B 3 16.23 -9.37 -23.85
N GLY B 4 16.70 -10.58 -23.56
CA GLY B 4 17.09 -10.90 -22.20
C GLY B 4 18.26 -10.06 -21.72
N GLU B 5 19.23 -9.81 -22.61
CA GLU B 5 20.36 -8.96 -22.27
C GLU B 5 19.93 -7.51 -22.09
N VAL B 6 19.01 -7.04 -22.94
CA VAL B 6 18.48 -5.68 -22.79
C VAL B 6 17.84 -5.49 -21.42
N LYS B 7 16.93 -6.38 -21.05
CA LYS B 7 16.28 -6.28 -19.75
C LYS B 7 17.31 -6.34 -18.61
N ASP B 8 18.31 -7.22 -18.74
CA ASP B 8 19.36 -7.28 -17.73
C ASP B 8 20.09 -5.94 -17.62
N ARG B 9 20.36 -5.30 -18.75
CA ARG B 9 21.04 -4.00 -18.73
C ARG B 9 20.22 -2.94 -18.01
N ILE B 10 18.92 -2.85 -18.32
CA ILE B 10 18.07 -1.88 -17.63
C ILE B 10 18.15 -2.08 -16.11
N LEU B 11 18.07 -3.33 -15.67
CA LEU B 11 18.10 -3.60 -14.23
C LEU B 11 19.47 -3.30 -13.63
N GLU B 12 20.56 -3.57 -14.37
CA GLU B 12 21.88 -3.17 -13.88
C GLU B 12 21.97 -1.66 -13.75
N ASN B 13 21.34 -0.93 -14.68
CA ASN B 13 21.38 0.53 -14.60
C ASN B 13 20.55 1.02 -13.42
N ILE B 14 19.44 0.37 -13.12
CA ILE B 14 18.70 0.71 -11.91
C ILE B 14 19.52 0.43 -10.66
N SER B 15 20.19 -0.73 -10.61
CA SER B 15 21.03 -1.07 -9.47
C SER B 15 22.08 -0.01 -9.21
N LEU B 16 22.84 0.36 -10.25
CA LEU B 16 23.89 1.36 -10.06
C LEU B 16 23.30 2.70 -9.63
N SER B 17 22.13 3.07 -10.17
CA SER B 17 21.54 4.36 -9.83
C SER B 17 21.07 4.40 -8.38
N VAL B 18 20.52 3.28 -7.89
CA VAL B 18 20.10 3.23 -6.49
C VAL B 18 21.32 3.38 -5.58
N LYS B 19 22.41 2.71 -5.94
CA LYS B 19 23.62 2.77 -5.11
C LYS B 19 24.18 4.19 -5.07
N LYS B 20 24.20 4.87 -6.21
CA LYS B 20 24.73 6.24 -6.24
C LYS B 20 23.83 7.18 -5.44
N LEU B 21 22.51 7.02 -5.57
CA LEU B 21 21.59 7.82 -4.79
C LEU B 21 21.73 7.54 -3.29
N GLN B 22 21.89 6.28 -2.90
CA GLN B 22 22.08 5.95 -1.48
C GLN B 22 23.31 6.67 -0.94
N SER B 23 24.41 6.63 -1.68
CA SER B 23 25.64 7.28 -1.25
C SER B 23 25.48 8.80 -1.20
N TYR B 24 24.80 9.36 -2.18
CA TYR B 24 24.53 10.79 -2.16
C TYR B 24 23.70 11.17 -0.94
N PHE B 25 22.66 10.40 -0.65
CA PHE B 25 21.79 10.74 0.47
C PHE B 25 22.53 10.61 1.80
N ALA B 26 23.32 9.55 1.97
CA ALA B 26 24.06 9.34 3.21
C ALA B 26 25.09 10.44 3.46
N ALA B 27 25.66 11.00 2.40
CA ALA B 27 26.72 12.00 2.55
C ALA B 27 26.19 13.42 2.69
N CYS B 28 24.89 13.61 2.53
CA CYS B 28 24.32 14.95 2.54
C CYS B 28 24.44 15.60 3.91
N GLU B 29 25.00 16.80 3.94
CA GLU B 29 25.22 17.53 5.18
C GLU B 29 24.18 18.61 5.43
N ASP B 30 23.07 18.60 4.69
CA ASP B 30 21.93 19.45 5.02
C ASP B 30 21.32 19.00 6.34
N GLU B 31 20.65 19.93 7.03
CA GLU B 31 20.05 19.58 8.31
C GLU B 31 18.91 18.59 8.14
N ILE B 32 18.13 18.73 7.07
CA ILE B 32 17.11 17.73 6.74
C ILE B 32 17.39 17.25 5.31
N PRO B 33 18.18 16.20 5.15
CA PRO B 33 18.50 15.71 3.80
C PRO B 33 17.25 15.26 3.05
N ALA B 34 17.18 15.62 1.77
CA ALA B 34 16.04 15.22 0.95
C ALA B 34 16.43 15.25 -0.51
N ILE B 35 16.05 14.21 -1.24
CA ILE B 35 16.26 14.16 -2.69
C ILE B 35 15.25 15.07 -3.37
N ARG B 36 15.71 15.87 -4.32
CA ARG B 36 14.84 16.79 -5.05
C ARG B 36 14.97 16.58 -6.56
N ASN B 37 14.07 17.22 -7.31
CA ASN B 37 14.02 17.01 -8.76
C ASN B 37 15.33 17.36 -9.45
N HIS B 38 16.06 18.36 -8.95
CA HIS B 38 17.25 18.83 -9.65
C HIS B 38 18.51 18.06 -9.30
N ASP B 39 18.44 17.05 -8.42
CA ASP B 39 19.60 16.25 -8.10
C ASP B 39 19.91 15.30 -9.26
N LYS B 40 21.18 15.26 -9.70
CA LYS B 40 21.51 14.40 -10.83
C LYS B 40 21.24 12.93 -10.51
N VAL B 41 21.51 12.51 -9.27
CA VAL B 41 21.24 11.11 -8.91
C VAL B 41 19.77 10.78 -9.04
N LEU B 42 18.88 11.74 -8.77
CA LEU B 42 17.45 11.48 -8.94
C LEU B 42 17.08 11.37 -10.41
N GLN B 43 17.60 12.30 -11.22
CA GLN B 43 17.29 12.25 -12.63
C GLN B 43 17.75 10.94 -13.25
N ARG B 44 18.95 10.48 -12.88
CA ARG B 44 19.43 9.21 -13.43
C ARG B 44 18.57 8.06 -12.95
N LEU B 45 18.25 8.02 -11.66
CA LEU B 45 17.40 6.96 -11.15
C LEU B 45 16.08 6.89 -11.91
N CYS B 46 15.38 8.01 -12.01
CA CYS B 46 14.05 8.01 -12.62
C CYS B 46 14.12 7.70 -14.11
N GLU B 47 15.17 8.16 -14.80
CA GLU B 47 15.34 7.78 -16.19
C GLU B 47 15.29 6.26 -16.33
N HIS B 48 16.00 5.55 -15.45
CA HIS B 48 16.11 4.10 -15.60
C HIS B 48 14.88 3.38 -15.05
N LEU B 49 14.27 3.88 -13.98
CA LEU B 49 12.98 3.37 -13.55
C LEU B 49 11.93 3.52 -14.64
N ASP B 50 11.88 4.71 -15.25
CA ASP B 50 10.94 4.94 -16.35
C ASP B 50 11.19 3.97 -17.50
N HIS B 51 12.47 3.69 -17.83
CA HIS B 51 12.76 2.72 -18.90
C HIS B 51 12.14 1.36 -18.60
N ALA B 52 12.34 0.86 -17.37
CA ALA B 52 11.82 -0.44 -16.98
C ALA B 52 10.29 -0.48 -17.04
N LEU B 53 9.64 0.64 -16.72
CA LEU B 53 8.19 0.65 -16.75
C LEU B 53 7.59 0.97 -18.13
N LEU B 54 8.36 1.52 -19.07
CA LEU B 54 7.84 1.77 -20.41
C LEU B 54 8.18 0.64 -21.37
N TYR B 55 9.18 -0.15 -21.04
CA TYR B 55 9.60 -1.24 -21.91
C TYR B 55 8.47 -2.23 -22.10
N GLY B 56 8.07 -2.46 -23.35
CA GLY B 56 7.04 -3.46 -23.57
C GLY B 56 5.62 -3.01 -23.37
N LEU B 57 5.37 -1.72 -23.17
CA LEU B 57 3.99 -1.25 -23.12
C LEU B 57 3.30 -1.49 -24.45
N GLN B 58 2.05 -1.96 -24.39
CA GLN B 58 1.28 -2.15 -25.62
C GLN B 58 0.92 -0.82 -26.25
N ASP B 59 0.63 0.19 -25.42
CA ASP B 59 0.21 1.52 -25.85
C ASP B 59 1.14 2.53 -25.19
N LEU B 60 2.24 2.87 -25.88
CA LEU B 60 3.28 3.69 -25.25
C LEU B 60 2.75 5.05 -24.83
N SER B 61 1.95 5.69 -25.68
CA SER B 61 1.51 7.06 -25.41
C SER B 61 0.64 7.17 -24.15
N SER B 62 -0.02 6.10 -23.75
CA SER B 62 -0.85 6.18 -22.55
C SER B 62 -0.04 5.92 -21.28
N GLY B 63 1.16 5.39 -21.40
CA GLY B 63 2.05 5.21 -20.26
C GLY B 63 1.59 4.10 -19.34
N TYR B 64 2.29 3.99 -18.21
CA TYR B 64 1.90 3.00 -17.23
C TYR B 64 0.80 3.52 -16.32
N TRP B 65 0.41 4.78 -16.49
CA TRP B 65 -0.69 5.34 -15.72
C TRP B 65 -1.93 4.47 -15.79
N VAL B 66 -2.29 4.02 -16.99
CA VAL B 66 -3.55 3.28 -17.12
C VAL B 66 -3.51 1.95 -16.38
N LEU B 67 -2.33 1.42 -16.13
CA LEU B 67 -2.21 0.25 -15.25
C LEU B 67 -2.26 0.65 -13.78
N VAL B 68 -1.42 1.59 -13.37
CA VAL B 68 -1.20 1.78 -11.95
C VAL B 68 -2.39 2.44 -11.27
N VAL B 69 -3.31 3.07 -12.02
CA VAL B 69 -4.51 3.58 -11.39
C VAL B 69 -5.32 2.45 -10.75
N HIS B 70 -5.20 1.21 -11.24
CA HIS B 70 -5.89 0.10 -10.59
C HIS B 70 -5.38 -0.17 -9.18
N PHE B 71 -4.15 0.25 -8.87
CA PHE B 71 -3.45 -0.09 -7.65
C PHE B 71 -3.29 1.08 -6.70
N THR B 72 -3.81 2.25 -7.05
CA THR B 72 -3.52 3.48 -6.34
C THR B 72 -4.74 4.03 -5.62
N ARG B 73 -4.53 4.56 -4.42
CA ARG B 73 -5.67 5.06 -3.64
C ARG B 73 -6.28 6.28 -4.30
N ARG B 74 -7.58 6.46 -4.07
CA ARG B 74 -8.36 7.48 -4.77
C ARG B 74 -7.76 8.87 -4.63
N GLU B 75 -7.34 9.24 -3.42
CA GLU B 75 -6.87 10.60 -3.22
C GLU B 75 -5.58 10.86 -3.98
N ALA B 76 -4.74 9.84 -4.15
CA ALA B 76 -3.52 10.00 -4.93
C ALA B 76 -3.82 10.12 -6.41
N ILE B 77 -4.76 9.31 -6.91
CA ILE B 77 -5.17 9.45 -8.31
C ILE B 77 -5.66 10.87 -8.56
N LYS B 78 -6.56 11.35 -7.69
CA LYS B 78 -7.12 12.70 -7.85
C LYS B 78 -6.01 13.75 -7.83
N GLN B 79 -5.06 13.61 -6.93
CA GLN B 79 -3.98 14.60 -6.82
C GLN B 79 -3.19 14.69 -8.11
N ILE B 80 -2.97 13.55 -8.76
CA ILE B 80 -2.22 13.53 -10.02
C ILE B 80 -3.06 14.08 -11.15
N GLU B 81 -4.36 13.77 -11.17
CA GLU B 81 -5.23 14.22 -12.25
C GLU B 81 -5.39 15.73 -12.28
N VAL B 82 -5.29 16.41 -11.12
CA VAL B 82 -5.53 17.85 -11.11
C VAL B 82 -4.25 18.67 -11.18
N LEU B 83 -3.09 18.04 -11.31
CA LEU B 83 -1.85 18.78 -11.54
C LEU B 83 -2.02 19.69 -12.76
N GLN B 84 -1.68 20.97 -12.58
CA GLN B 84 -1.96 21.95 -13.63
C GLN B 84 -1.04 21.79 -14.83
N HIS B 85 0.17 21.28 -14.64
CA HIS B 85 1.18 21.32 -15.69
C HIS B 85 1.57 19.94 -16.19
N VAL B 86 0.77 18.93 -15.85
CA VAL B 86 0.93 17.57 -16.32
C VAL B 86 -0.33 17.22 -17.09
N ALA B 87 -0.24 17.17 -18.41
CA ALA B 87 -1.42 17.22 -19.27
C ALA B 87 -1.78 15.90 -19.93
N THR B 88 -0.92 14.90 -19.90
CA THR B 88 -1.10 13.68 -20.68
C THR B 88 -0.95 12.49 -19.75
N ASN B 89 -1.44 11.33 -20.22
CA ASN B 89 -1.30 10.12 -19.40
C ASN B 89 0.15 9.70 -19.25
N LEU B 90 0.99 9.99 -20.23
CA LEU B 90 2.42 9.72 -20.05
C LEU B 90 3.01 10.60 -18.96
N GLY B 91 2.69 11.89 -18.96
CA GLY B 91 3.13 12.73 -17.84
C GLY B 91 2.57 12.25 -16.51
N ARG B 92 1.31 11.83 -16.50
CA ARG B 92 0.72 11.32 -15.25
C ARG B 92 1.44 10.07 -14.78
N SER B 93 1.91 9.21 -15.69
CA SER B 93 2.73 8.05 -15.32
C SER B 93 3.97 8.48 -14.55
N ARG B 94 4.65 9.51 -15.05
CA ARG B 94 5.86 9.98 -14.39
C ARG B 94 5.55 10.67 -13.07
N ALA B 95 4.45 11.43 -13.01
CA ALA B 95 4.10 12.07 -11.74
C ALA B 95 3.75 11.03 -10.69
N TRP B 96 3.09 9.95 -11.12
CA TRP B 96 2.81 8.84 -10.23
C TRP B 96 4.09 8.23 -9.71
N LEU B 97 5.11 8.10 -10.57
CA LEU B 97 6.39 7.58 -10.12
C LEU B 97 7.02 8.51 -9.07
N TYR B 98 6.97 9.83 -9.30
CA TYR B 98 7.53 10.75 -8.32
C TYR B 98 6.80 10.62 -6.99
N LEU B 99 5.47 10.51 -7.04
CA LEU B 99 4.68 10.34 -5.84
C LEU B 99 5.03 9.04 -5.13
N ALA B 100 5.19 7.95 -5.90
CA ALA B 100 5.56 6.67 -5.31
C ALA B 100 6.90 6.78 -4.59
N LEU B 101 7.85 7.52 -5.18
CA LEU B 101 9.12 7.74 -4.48
C LEU B 101 8.93 8.61 -3.24
N ASN B 102 8.14 9.68 -3.35
CA ASN B 102 7.87 10.53 -2.19
C ASN B 102 7.29 9.72 -1.02
N GLU B 103 6.47 8.72 -1.34
CA GLU B 103 5.77 7.90 -0.36
C GLU B 103 6.50 6.61 -0.05
N ASN B 104 7.70 6.43 -0.62
CA ASN B 104 8.53 5.24 -0.39
C ASN B 104 7.72 3.98 -0.58
N SER B 105 6.89 3.97 -1.64
CA SER B 105 5.90 2.94 -1.85
C SER B 105 6.14 2.07 -3.06
N LEU B 106 7.25 2.25 -3.77
CA LEU B 106 7.44 1.55 -5.03
C LEU B 106 7.38 0.03 -4.83
N GLU B 107 7.92 -0.47 -3.72
CA GLU B 107 7.90 -1.92 -3.49
C GLU B 107 6.47 -2.44 -3.41
N SER B 108 5.57 -1.72 -2.73
CA SER B 108 4.20 -2.20 -2.59
C SER B 108 3.52 -2.23 -3.95
N TYR B 109 3.77 -1.22 -4.77
CA TYR B 109 3.20 -1.22 -6.11
C TYR B 109 3.74 -2.36 -6.95
N LEU B 110 5.05 -2.63 -6.88
CA LEU B 110 5.59 -3.71 -7.69
C LEU B 110 5.08 -5.06 -7.23
N ARG B 111 4.81 -5.24 -5.93
CA ARG B 111 4.17 -6.46 -5.48
C ARG B 111 2.78 -6.61 -6.06
N LEU B 112 2.06 -5.50 -6.22
CA LEU B 112 0.76 -5.58 -6.85
C LEU B 112 0.87 -5.97 -8.32
N PHE B 113 1.95 -5.56 -9.00
CA PHE B 113 2.20 -6.06 -10.35
C PHE B 113 2.26 -7.59 -10.36
N GLN B 114 3.08 -8.17 -9.46
CA GLN B 114 3.24 -9.61 -9.38
C GLN B 114 1.93 -10.34 -9.09
N GLU B 115 1.02 -9.70 -8.37
CA GLU B 115 -0.22 -10.32 -7.94
C GLU B 115 -1.33 -10.17 -8.97
N ASN B 116 -1.08 -9.46 -10.06
CA ASN B 116 -2.09 -9.10 -11.03
C ASN B 116 -1.57 -9.33 -12.46
N LEU B 117 -1.07 -10.54 -12.71
CA LEU B 117 -0.57 -10.86 -14.05
C LEU B 117 -1.63 -10.66 -15.13
N GLY B 118 -2.92 -10.87 -14.79
CA GLY B 118 -3.96 -10.61 -15.77
C GLY B 118 -3.97 -9.17 -16.23
N LEU B 119 -3.92 -8.24 -15.29
CA LEU B 119 -3.84 -6.83 -15.62
C LEU B 119 -2.55 -6.50 -16.38
N LEU B 120 -1.41 -7.07 -15.93
CA LEU B 120 -0.14 -6.78 -16.59
C LEU B 120 -0.19 -7.16 -18.06
N HIS B 121 -0.74 -8.34 -18.36
CA HIS B 121 -0.82 -8.81 -19.74
C HIS B 121 -1.83 -8.01 -20.57
N LYS B 122 -2.73 -7.26 -19.92
CA LYS B 122 -3.59 -6.38 -20.69
C LYS B 122 -2.86 -5.15 -21.19
N TYR B 123 -1.83 -4.71 -20.47
CA TYR B 123 -1.15 -3.46 -20.79
C TYR B 123 0.25 -3.65 -21.35
N TYR B 124 0.84 -4.82 -21.18
CA TYR B 124 2.21 -5.09 -21.60
C TYR B 124 2.25 -6.28 -22.54
N VAL B 125 3.22 -6.26 -23.46
CA VAL B 125 3.44 -7.40 -24.33
C VAL B 125 4.16 -8.50 -23.55
N LYS B 126 4.14 -9.71 -24.10
CA LYS B 126 4.75 -10.84 -23.39
C LYS B 126 6.24 -10.60 -23.13
N ASN B 127 6.90 -9.89 -24.03
CA ASN B 127 8.33 -9.60 -23.96
C ASN B 127 8.72 -8.61 -22.86
N ALA B 128 7.75 -7.96 -22.22
CA ALA B 128 8.03 -6.83 -21.33
C ALA B 128 8.81 -7.27 -20.09
N LEU B 129 9.57 -6.33 -19.54
CA LEU B 129 10.40 -6.61 -18.36
C LEU B 129 9.52 -7.00 -17.18
N VAL B 130 8.45 -6.26 -16.93
CA VAL B 130 7.59 -6.59 -15.80
C VAL B 130 6.85 -7.91 -16.02
N CYS B 131 6.78 -8.42 -17.26
CA CYS B 131 6.12 -9.70 -17.50
C CYS B 131 7.03 -10.90 -17.30
N SER B 132 8.31 -10.67 -17.02
CA SER B 132 9.26 -11.76 -16.78
C SER B 132 9.37 -11.94 -15.25
N HIS B 133 9.03 -13.14 -14.77
CA HIS B 133 9.00 -13.35 -13.33
C HIS B 133 10.35 -13.05 -12.72
N ASP B 134 11.41 -13.60 -13.30
CA ASP B 134 12.76 -13.39 -12.78
C ASP B 134 13.10 -11.90 -12.74
N HIS B 135 12.76 -11.17 -13.80
CA HIS B 135 13.16 -9.77 -13.87
C HIS B 135 12.34 -8.91 -12.92
N LEU B 136 11.04 -9.18 -12.80
CA LEU B 136 10.21 -8.41 -11.88
C LEU B 136 10.62 -8.65 -10.43
N THR B 137 10.98 -9.89 -10.07
CA THR B 137 11.45 -10.10 -8.69
C THR B 137 12.74 -9.32 -8.43
N LEU B 138 13.63 -9.24 -9.41
CA LEU B 138 14.87 -8.50 -9.20
C LEU B 138 14.59 -7.00 -9.09
N PHE B 139 13.71 -6.50 -9.95
CA PHE B 139 13.24 -5.12 -9.87
C PHE B 139 12.73 -4.77 -8.48
N LEU B 140 11.92 -5.66 -7.89
CA LEU B 140 11.39 -5.44 -6.56
C LEU B 140 12.51 -5.38 -5.52
N THR B 141 13.46 -6.32 -5.59
CA THR B 141 14.62 -6.27 -4.71
C THR B 141 15.36 -4.94 -4.84
N LEU B 142 15.64 -4.53 -6.07
CA LEU B 142 16.38 -3.29 -6.28
C LEU B 142 15.68 -2.10 -5.62
N VAL B 143 14.37 -1.96 -5.83
CA VAL B 143 13.74 -0.73 -5.34
C VAL B 143 13.56 -0.76 -3.82
N SER B 144 13.68 -1.94 -3.18
CA SER B 144 13.64 -1.98 -1.72
C SER B 144 14.76 -1.16 -1.10
N GLY B 145 15.79 -0.82 -1.88
CA GLY B 145 16.85 0.06 -1.43
C GLY B 145 16.48 1.53 -1.30
N LEU B 146 15.30 1.92 -1.70
CA LEU B 146 14.85 3.30 -1.57
C LEU B 146 13.95 3.51 -0.37
N GLU B 147 13.83 2.51 0.52
CA GLU B 147 12.77 2.57 1.53
C GLU B 147 13.03 3.64 2.58
N PHE B 148 14.30 3.84 2.94
CA PHE B 148 14.65 4.75 4.02
C PHE B 148 15.28 6.05 3.51
N ILE B 149 14.97 6.42 2.28
CA ILE B 149 15.48 7.65 1.69
C ILE B 149 14.35 8.66 1.60
N ARG B 150 14.61 9.88 2.03
CA ARG B 150 13.61 10.95 1.99
C ARG B 150 13.62 11.58 0.60
N PHE B 151 12.49 11.49 -0.09
CA PHE B 151 12.28 12.17 -1.37
C PHE B 151 11.27 13.29 -1.18
N GLU B 152 11.57 14.45 -1.77
CA GLU B 152 10.71 15.63 -1.70
C GLU B 152 10.56 16.18 -3.12
N LEU B 153 10.02 15.34 -3.99
CA LEU B 153 9.90 15.64 -5.42
C LEU B 153 8.66 16.46 -5.73
N ASP B 154 8.81 17.44 -6.62
CA ASP B 154 7.68 18.23 -7.09
C ASP B 154 6.96 17.44 -8.19
N LEU B 155 5.68 17.15 -7.98
CA LEU B 155 4.96 16.35 -8.96
C LEU B 155 4.57 17.15 -10.20
N ASP B 156 4.47 18.47 -10.08
CA ASP B 156 3.94 19.30 -11.14
C ASP B 156 5.05 19.80 -12.06
N ALA B 157 5.86 18.87 -12.53
CA ALA B 157 6.96 19.22 -13.43
C ALA B 157 6.50 19.10 -14.88
N PRO B 158 6.67 20.15 -15.70
CA PRO B 158 6.15 20.09 -17.07
C PRO B 158 6.94 19.18 -18.00
N TYR B 159 8.24 18.97 -17.74
CA TYR B 159 9.01 18.07 -18.60
C TYR B 159 8.52 16.63 -18.55
N LEU B 160 7.62 16.30 -17.62
CA LEU B 160 7.16 14.92 -17.51
C LEU B 160 6.30 14.48 -18.69
N ASP B 161 5.72 15.42 -19.42
CA ASP B 161 4.90 15.06 -20.58
C ASP B 161 5.71 14.71 -21.82
N LEU B 162 7.03 14.91 -21.82
CA LEU B 162 7.82 14.69 -23.04
C LEU B 162 7.85 13.21 -23.40
N ALA B 163 7.39 12.88 -24.63
CA ALA B 163 7.32 11.49 -25.04
C ALA B 163 8.61 11.04 -25.72
N PRO B 164 8.88 9.73 -25.68
CA PRO B 164 10.00 9.20 -26.46
C PRO B 164 9.77 9.38 -27.96
N TYR B 165 10.87 9.45 -28.69
CA TYR B 165 10.81 9.45 -30.15
C TYR B 165 12.11 8.87 -30.69
PG GTP C . 1.59 -7.26 9.32
O1G GTP C . 1.45 -7.52 7.82
O2G GTP C . 0.98 -5.98 9.79
O3G GTP C . 3.00 -7.33 9.81
O3B GTP C . 0.82 -8.46 10.06
PB GTP C . -0.68 -8.99 9.85
O1B GTP C . -1.55 -8.29 10.83
O2B GTP C . -1.09 -8.94 8.40
O3A GTP C . -0.60 -10.51 10.36
PA GTP C . -0.68 -11.84 9.45
O1A GTP C . -2.03 -12.00 8.80
O2A GTP C . 0.49 -11.87 8.50
O5' GTP C . -0.64 -13.05 10.50
C5' GTP C . 0.01 -13.15 11.71
C4' GTP C . -0.16 -14.60 12.19
O4' GTP C . -1.30 -14.76 13.03
C3' GTP C . -0.18 -15.69 11.13
O3' GTP C . 0.76 -16.63 11.66
C2' GTP C . -1.56 -16.29 11.28
O2' GTP C . -1.51 -17.67 11.03
C1' GTP C . -1.91 -16.01 12.73
N9 GTP C . -3.36 -15.85 12.90
C8 GTP C . -4.19 -14.99 12.22
N7 GTP C . -5.44 -15.17 12.71
C5 GTP C . -5.41 -16.12 13.67
C6 GTP C . -6.38 -16.68 14.47
O6 GTP C . -7.59 -16.35 14.42
N1 GTP C . -6.01 -17.65 15.37
C2 GTP C . -4.71 -18.05 15.48
N2 GTP C . -4.38 -18.98 16.37
N3 GTP C . -3.76 -17.50 14.70
C4 GTP C . -4.10 -16.54 13.80
HO3' GTP C . 0.31 -17.24 12.28
HO2' GTP C . -0.59 -17.96 10.96
HN1 GTP C . -6.74 -18.08 15.99
HN21 GTP C . -3.41 -19.26 16.46
HN22 GTP C . -5.09 -19.39 16.95
MG MG D . -0.12 -8.23 6.74
#